data_5Y8P
#
_entry.id   5Y8P
#
_cell.length_a   128.920
_cell.length_b   128.920
_cell.length_c   70.190
_cell.angle_alpha   90.00
_cell.angle_beta   90.00
_cell.angle_gamma   120.00
#
_symmetry.space_group_name_H-M   'P 65'
#
loop_
_entity.id
_entity.type
_entity.pdbx_description
1 polymer 'Probable 3-hydroxyisobutyrate dehydrogenase'
2 non-polymer GLYCEROL
3 non-polymer '(2~{S})-2-methylpentanedioic acid'
4 non-polymer '3-HYDROXY-PROPANOIC ACID'
5 non-polymer 'ACRYLIC ACID'
6 water water
#
_entity_poly.entity_id   1
_entity_poly.type   'polypeptide(L)'
_entity_poly.pdbx_seq_one_letter_code
;MMTTIAFLGLGNMGAPMSANLVGAGHVVRGFDPAPTAASGAAAHGVAVFRSAPEAVAEADVVITMLPTGEVVRRCYTDVL
AAARPATLFIDSSTISVTDAREVHALAESHGMLQLDAPVSGGVKGAAAATLAFMVGGDESTLRRARPVLEPMAGKIIHCG
AAGAGQAAKVCNNMVLAVQQIAIAEAFVLAEKLGLSAQSLFDVITGATGNCWAVHTNCPVPGPVPTSPANNDFKPGFSTA
LMNKDLGLAMDAVAATGATAPLGSHAADIYAKFAADHADLDFSAVIHTLRARADA
;
_entity_poly.pdbx_strand_id   A,B
#
# COMPACT_ATOMS: atom_id res chain seq x y z
C MET A 2 -36.16 22.10 8.54
N THR A 3 -35.16 21.29 8.26
CA THR A 3 -35.02 20.01 8.87
C THR A 3 -34.58 20.00 10.34
N THR A 4 -35.34 19.33 11.16
CA THR A 4 -35.01 19.11 12.55
C THR A 4 -34.20 17.81 12.73
N ILE A 5 -33.06 17.91 13.41
CA ILE A 5 -32.14 16.78 13.54
C ILE A 5 -31.88 16.48 15.00
N ALA A 6 -32.05 15.23 15.43
CA ALA A 6 -31.67 14.89 16.80
C ALA A 6 -30.27 14.30 16.66
N PHE A 7 -29.27 14.83 17.39
CA PHE A 7 -27.89 14.35 17.36
C PHE A 7 -27.53 13.77 18.76
N LEU A 8 -27.32 12.45 18.78
CA LEU A 8 -27.15 11.64 19.96
C LEU A 8 -25.71 11.17 19.98
N GLY A 9 -24.93 11.79 20.86
CA GLY A 9 -23.46 11.62 20.89
C GLY A 9 -22.80 12.91 20.39
N LEU A 10 -22.34 13.72 21.35
CA LEU A 10 -21.85 15.07 21.11
C LEU A 10 -20.39 15.10 21.61
N GLY A 11 -19.65 14.01 21.37
CA GLY A 11 -18.27 13.91 21.77
C GLY A 11 -17.38 14.65 20.79
N ASN A 12 -16.11 14.23 20.71
CA ASN A 12 -15.10 14.90 19.89
C ASN A 12 -15.44 15.03 18.39
N MET A 13 -16.20 14.07 17.87
CA MET A 13 -16.66 14.07 16.49
C MET A 13 -18.04 14.71 16.45
N GLY A 14 -18.94 14.18 17.29
CA GLY A 14 -20.31 14.66 17.37
C GLY A 14 -20.45 16.17 17.58
N ALA A 15 -19.64 16.76 18.45
CA ALA A 15 -19.80 18.19 18.72
C ALA A 15 -19.60 19.02 17.40
N PRO A 16 -18.45 18.90 16.73
CA PRO A 16 -18.26 19.74 15.53
C PRO A 16 -19.15 19.41 14.37
N MET A 17 -19.54 18.15 14.24
CA MET A 17 -20.45 17.75 13.18
C MET A 17 -21.74 18.52 13.38
N SER A 18 -22.26 18.51 14.61
CA SER A 18 -23.55 19.11 14.87
C SER A 18 -23.43 20.64 14.77
N ALA A 19 -22.22 21.16 15.00
CA ALA A 19 -22.01 22.60 14.81
C ALA A 19 -22.10 23.00 13.34
N ASN A 20 -21.57 22.18 12.46
CA ASN A 20 -21.77 22.40 11.05
C ASN A 20 -23.24 22.29 10.63
N LEU A 21 -23.99 21.33 11.17
CA LEU A 21 -25.43 21.26 10.88
C LEU A 21 -26.16 22.57 11.32
N VAL A 22 -25.85 23.09 12.49
CA VAL A 22 -26.46 24.35 12.96
C VAL A 22 -26.11 25.43 11.94
N GLY A 23 -24.82 25.45 11.57
CA GLY A 23 -24.26 26.35 10.59
C GLY A 23 -24.93 26.26 9.23
N ALA A 24 -25.48 25.11 8.89
CA ALA A 24 -26.13 25.01 7.62
C ALA A 24 -27.62 25.30 7.70
N GLY A 25 -28.14 25.73 8.85
CA GLY A 25 -29.52 26.14 8.94
C GLY A 25 -30.50 25.08 9.41
N HIS A 26 -29.99 24.01 10.01
CA HIS A 26 -30.87 22.98 10.59
C HIS A 26 -31.15 23.25 12.06
N VAL A 27 -32.30 22.76 12.52
CA VAL A 27 -32.68 22.83 13.93
C VAL A 27 -32.10 21.59 14.61
N VAL A 28 -31.09 21.74 15.48
CA VAL A 28 -30.37 20.56 16.06
C VAL A 28 -30.74 20.35 17.53
N ARG A 29 -31.24 19.16 17.83
CA ARG A 29 -31.58 18.75 19.16
C ARG A 29 -30.57 17.70 19.57
N GLY A 30 -30.08 17.79 20.79
CA GLY A 30 -28.95 16.96 21.14
C GLY A 30 -29.06 16.24 22.46
N PHE A 31 -28.25 15.21 22.62
CA PHE A 31 -28.08 14.55 23.89
C PHE A 31 -26.68 13.93 24.00
N ASP A 32 -26.08 14.09 25.16
CA ASP A 32 -24.86 13.40 25.49
C ASP A 32 -24.84 13.20 26.97
N PRO A 33 -24.35 12.04 27.45
CA PRO A 33 -24.25 11.86 28.91
C PRO A 33 -23.16 12.66 29.63
N ALA A 34 -22.22 13.29 28.94
CA ALA A 34 -21.21 14.18 29.55
C ALA A 34 -21.67 15.63 29.50
N PRO A 35 -21.89 16.27 30.66
CA PRO A 35 -22.25 17.69 30.75
C PRO A 35 -21.33 18.64 30.01
N THR A 36 -20.04 18.42 30.11
CA THR A 36 -19.10 19.20 29.37
C THR A 36 -19.38 19.10 27.82
N ALA A 37 -19.63 17.88 27.32
CA ALA A 37 -19.97 17.73 25.90
C ALA A 37 -21.27 18.46 25.52
N ALA A 38 -22.29 18.25 26.34
CA ALA A 38 -23.60 18.84 26.10
C ALA A 38 -23.49 20.38 26.08
N SER A 39 -22.71 20.91 27.03
CA SER A 39 -22.59 22.36 27.27
C SER A 39 -21.92 23.05 26.12
N GLY A 40 -20.78 22.47 25.70
CA GLY A 40 -20.11 22.80 24.47
C GLY A 40 -21.06 22.84 23.30
N ALA A 41 -21.80 21.76 23.10
CA ALA A 41 -22.73 21.66 21.97
C ALA A 41 -23.82 22.76 22.04
N ALA A 42 -24.35 22.99 23.24
CA ALA A 42 -25.34 24.03 23.49
C ALA A 42 -24.80 25.43 23.24
N ALA A 43 -23.49 25.59 23.34
CA ALA A 43 -22.91 26.89 23.14
C ALA A 43 -22.87 27.25 21.65
N HIS A 44 -22.77 26.24 20.78
CA HIS A 44 -22.90 26.44 19.32
C HIS A 44 -24.33 26.22 18.75
N GLY A 45 -25.35 26.20 19.61
CA GLY A 45 -26.74 26.28 19.16
C GLY A 45 -27.59 25.01 19.18
N VAL A 46 -27.04 23.93 19.71
CA VAL A 46 -27.79 22.70 19.84
C VAL A 46 -28.69 22.86 21.07
N ALA A 47 -29.97 22.54 20.93
CA ALA A 47 -30.88 22.46 22.04
C ALA A 47 -30.66 21.05 22.67
N VAL A 48 -30.02 21.06 23.83
CA VAL A 48 -29.58 19.87 24.55
C VAL A 48 -30.70 19.39 25.43
N PHE A 49 -31.03 18.11 25.36
CA PHE A 49 -32.06 17.54 26.24
C PHE A 49 -31.51 16.56 27.21
N ARG A 50 -32.24 16.32 28.28
CA ARG A 50 -31.74 15.51 29.40
C ARG A 50 -31.77 14.00 29.10
N SER A 51 -32.61 13.53 28.17
CA SER A 51 -32.55 12.12 27.72
C SER A 51 -32.69 12.03 26.23
N ALA A 52 -32.29 10.90 25.67
CA ALA A 52 -32.28 10.81 24.23
C ALA A 52 -33.69 10.71 23.60
N PRO A 53 -34.65 9.98 24.26
CA PRO A 53 -36.03 9.89 23.71
C PRO A 53 -36.67 11.27 23.50
N GLU A 54 -36.36 12.18 24.43
CA GLU A 54 -36.74 13.58 24.38
C GLU A 54 -36.19 14.34 23.18
N ALA A 55 -34.86 14.20 22.94
CA ALA A 55 -34.24 14.84 21.78
C ALA A 55 -34.84 14.37 20.48
N VAL A 56 -35.13 13.08 20.41
CA VAL A 56 -35.70 12.44 19.21
C VAL A 56 -37.15 12.90 18.86
N ALA A 57 -37.94 13.29 19.86
CA ALA A 57 -39.40 13.50 19.74
C ALA A 57 -39.89 14.32 18.51
N GLU A 58 -39.18 15.41 18.22
CA GLU A 58 -39.55 16.34 17.17
C GLU A 58 -38.70 16.21 15.90
N ALA A 59 -37.91 15.17 15.78
CA ALA A 59 -36.86 15.13 14.77
C ALA A 59 -37.29 14.43 13.48
N ASP A 60 -36.85 14.98 12.36
CA ASP A 60 -37.04 14.33 11.04
C ASP A 60 -35.86 13.35 10.77
N VAL A 61 -34.71 13.66 11.37
CA VAL A 61 -33.48 12.88 11.20
C VAL A 61 -32.85 12.67 12.58
N VAL A 62 -32.39 11.46 12.86
CA VAL A 62 -31.73 11.15 14.11
C VAL A 62 -30.33 10.60 13.76
N ILE A 63 -29.27 11.28 14.19
CA ILE A 63 -27.89 10.87 13.95
C ILE A 63 -27.26 10.35 15.27
N THR A 64 -26.63 9.17 15.23
CA THR A 64 -25.90 8.61 16.37
C THR A 64 -24.43 8.67 16.08
N MET A 65 -23.68 9.03 17.10
CA MET A 65 -22.22 9.04 17.05
C MET A 65 -21.79 8.53 18.42
N LEU A 66 -21.62 7.22 18.53
CA LEU A 66 -21.58 6.50 19.81
C LEU A 66 -20.43 5.47 19.85
N PRO A 67 -19.95 5.09 21.04
CA PRO A 67 -18.64 4.37 21.00
C PRO A 67 -18.66 2.89 20.59
N THR A 68 -19.77 2.18 20.78
CA THR A 68 -19.89 0.74 20.43
C THR A 68 -21.25 0.33 19.86
N GLY A 69 -21.30 -0.84 19.22
CA GLY A 69 -22.56 -1.43 18.75
C GLY A 69 -23.57 -1.56 19.88
N GLU A 70 -23.10 -1.99 21.04
CA GLU A 70 -24.01 -2.20 22.15
C GLU A 70 -24.72 -0.89 22.58
N VAL A 71 -23.98 0.20 22.64
CA VAL A 71 -24.54 1.49 22.99
C VAL A 71 -25.42 1.99 21.86
N VAL A 72 -25.01 1.73 20.60
CA VAL A 72 -25.88 2.09 19.49
C VAL A 72 -27.23 1.35 19.63
N ARG A 73 -27.18 -0.01 19.74
CA ARG A 73 -28.39 -0.85 19.83
C ARG A 73 -29.33 -0.37 20.98
N ARG A 74 -28.73 -0.06 22.11
CA ARG A 74 -29.46 0.36 23.28
C ARG A 74 -30.11 1.77 23.10
N CYS A 75 -29.41 2.68 22.46
CA CYS A 75 -29.98 3.96 22.12
C CYS A 75 -31.23 3.78 21.20
N TYR A 76 -31.06 2.92 20.18
CA TYR A 76 -32.14 2.62 19.24
C TYR A 76 -33.38 2.09 19.98
N THR A 77 -33.21 1.10 20.85
CA THR A 77 -34.38 0.59 21.59
C THR A 77 -34.91 1.62 22.64
N ASP A 78 -34.07 2.49 23.21
CA ASP A 78 -34.56 3.59 24.06
C ASP A 78 -35.36 4.64 23.29
N VAL A 79 -35.01 4.92 22.04
CA VAL A 79 -35.65 6.03 21.29
C VAL A 79 -36.63 5.70 20.15
N LEU A 80 -36.63 4.47 19.61
CA LEU A 80 -37.42 4.21 18.40
C LEU A 80 -38.94 4.51 18.58
N ALA A 81 -39.48 4.12 19.74
CA ALA A 81 -40.87 4.39 20.08
C ALA A 81 -41.20 5.87 20.22
N ALA A 82 -40.22 6.71 20.54
CA ALA A 82 -40.45 8.15 20.67
C ALA A 82 -40.33 8.86 19.31
N ALA A 83 -39.83 8.20 18.28
CA ALA A 83 -39.64 8.86 17.02
C ALA A 83 -40.91 8.88 16.17
N ARG A 84 -41.02 9.88 15.31
CA ARG A 84 -42.13 9.94 14.40
C ARG A 84 -41.98 8.92 13.30
N PRO A 85 -43.09 8.53 12.64
CA PRO A 85 -42.96 7.53 11.58
C PRO A 85 -42.12 8.01 10.43
N ALA A 86 -41.40 7.10 9.79
CA ALA A 86 -40.56 7.43 8.65
C ALA A 86 -39.43 8.45 8.99
N THR A 87 -39.02 8.51 10.26
CA THR A 87 -37.85 9.27 10.62
C THR A 87 -36.65 8.58 9.98
N LEU A 88 -35.68 9.39 9.57
CA LEU A 88 -34.51 8.90 8.91
C LEU A 88 -33.43 8.82 9.98
N PHE A 89 -32.96 7.60 10.21
CA PHE A 89 -31.93 7.37 11.19
C PHE A 89 -30.62 7.18 10.50
N ILE A 90 -29.58 7.85 10.97
CA ILE A 90 -28.27 7.67 10.36
C ILE A 90 -27.31 7.33 11.47
N ASP A 91 -26.72 6.15 11.44
CA ASP A 91 -25.64 5.85 12.39
C ASP A 91 -24.26 6.07 11.77
N SER A 92 -23.57 7.09 12.25
CA SER A 92 -22.22 7.39 11.83
C SER A 92 -21.13 6.92 12.79
N SER A 93 -21.53 6.16 13.83
CA SER A 93 -20.60 5.47 14.75
C SER A 93 -19.81 4.46 13.91
N THR A 94 -18.62 4.08 14.38
CA THR A 94 -17.90 2.96 13.79
C THR A 94 -18.13 1.75 14.67
N ILE A 95 -18.85 0.77 14.11
CA ILE A 95 -19.21 -0.49 14.78
C ILE A 95 -19.11 -1.72 13.83
N SER A 96 -19.23 -2.92 14.39
CA SER A 96 -19.21 -4.09 13.57
C SER A 96 -20.32 -4.07 12.52
N VAL A 97 -20.04 -4.79 11.45
CA VAL A 97 -21.00 -4.96 10.37
C VAL A 97 -22.25 -5.69 10.89
N THR A 98 -22.04 -6.71 11.70
CA THR A 98 -23.16 -7.46 12.29
C THR A 98 -24.08 -6.52 13.10
N ASP A 99 -23.47 -5.68 13.95
CA ASP A 99 -24.25 -4.75 14.78
C ASP A 99 -25.00 -3.74 13.90
N ALA A 100 -24.28 -3.15 12.93
CA ALA A 100 -24.89 -2.29 11.94
C ALA A 100 -26.14 -2.92 11.29
N ARG A 101 -26.01 -4.13 10.81
CA ARG A 101 -27.16 -4.79 10.17
C ARG A 101 -28.30 -5.07 11.12
N GLU A 102 -27.97 -5.43 12.36
CA GLU A 102 -29.00 -5.70 13.36
C GLU A 102 -29.80 -4.43 13.70
N VAL A 103 -29.08 -3.35 13.91
CA VAL A 103 -29.62 -2.07 14.25
C VAL A 103 -30.43 -1.43 13.08
N HIS A 104 -29.94 -1.64 11.87
CA HIS A 104 -30.67 -1.24 10.68
C HIS A 104 -32.01 -1.96 10.61
N ALA A 105 -31.99 -3.29 10.77
CA ALA A 105 -33.22 -4.10 10.75
C ALA A 105 -34.17 -3.66 11.86
N LEU A 106 -33.61 -3.39 13.02
CA LEU A 106 -34.43 -2.94 14.14
C LEU A 106 -35.19 -1.67 13.83
N ALA A 107 -34.49 -0.70 13.23
CA ALA A 107 -35.09 0.60 12.91
C ALA A 107 -36.13 0.51 11.81
N GLU A 108 -35.87 -0.21 10.73
N GLU A 108 -35.82 -0.22 10.73
CA GLU A 108 -36.89 -0.31 9.67
CA GLU A 108 -36.77 -0.47 9.64
C GLU A 108 -38.10 -1.18 10.05
C GLU A 108 -38.08 -1.10 10.13
N SER A 109 -38.00 -2.07 11.04
CA SER A 109 -39.19 -2.74 11.61
C SER A 109 -40.15 -1.77 12.35
N HIS A 110 -39.64 -0.62 12.80
CA HIS A 110 -40.43 0.47 13.43
C HIS A 110 -40.89 1.50 12.42
N GLY A 111 -40.83 1.15 11.13
CA GLY A 111 -41.22 2.03 10.09
C GLY A 111 -40.24 3.15 9.81
N MET A 112 -38.99 3.00 10.28
CA MET A 112 -38.00 4.02 10.07
C MET A 112 -37.18 3.73 8.83
N LEU A 113 -36.47 4.75 8.36
CA LEU A 113 -35.50 4.61 7.27
C LEU A 113 -34.11 4.73 7.90
N GLN A 114 -33.20 3.86 7.53
CA GLN A 114 -31.90 3.82 8.23
C GLN A 114 -30.69 3.55 7.34
N LEU A 115 -29.64 4.33 7.59
CA LEU A 115 -28.33 4.15 7.00
C LEU A 115 -27.25 3.92 8.03
N ASP A 116 -26.24 3.10 7.71
CA ASP A 116 -24.91 3.23 8.28
C ASP A 116 -24.05 4.17 7.43
N ALA A 117 -23.42 5.11 8.09
CA ALA A 117 -22.59 6.16 7.47
C ALA A 117 -21.38 6.52 8.33
N PRO A 118 -20.53 5.53 8.67
CA PRO A 118 -19.32 5.81 9.43
C PRO A 118 -18.41 6.75 8.65
N VAL A 119 -17.48 7.38 9.31
CA VAL A 119 -16.70 8.46 8.73
C VAL A 119 -15.21 8.33 8.90
N SER A 120 -14.48 8.89 7.97
CA SER A 120 -13.01 9.02 8.04
C SER A 120 -12.70 10.47 8.02
N GLY A 121 -11.62 10.87 8.69
CA GLY A 121 -11.12 12.27 8.67
C GLY A 121 -10.85 12.84 10.05
N GLY A 122 -11.45 12.25 11.08
CA GLY A 122 -11.21 12.63 12.46
C GLY A 122 -11.82 13.95 12.92
N VAL A 123 -11.39 14.38 14.10
CA VAL A 123 -11.86 15.62 14.70
C VAL A 123 -11.59 16.78 13.74
N LYS A 124 -10.44 16.75 13.09
CA LYS A 124 -10.06 17.84 12.19
C LYS A 124 -10.92 17.87 10.95
N GLY A 125 -11.22 16.69 10.41
CA GLY A 125 -12.16 16.60 9.32
C GLY A 125 -13.57 16.97 9.74
N ALA A 126 -13.91 16.58 10.95
CA ALA A 126 -15.25 16.85 11.50
C ALA A 126 -15.46 18.33 11.56
N ALA A 127 -14.50 19.02 12.14
CA ALA A 127 -14.55 20.49 12.27
C ALA A 127 -14.51 21.24 10.93
N ALA A 128 -13.62 20.81 10.05
CA ALA A 128 -13.49 21.44 8.75
C ALA A 128 -14.62 21.04 7.74
N ALA A 129 -15.53 20.14 8.14
CA ALA A 129 -16.63 19.64 7.30
C ALA A 129 -16.11 18.92 6.03
N THR A 130 -15.00 18.20 6.18
CA THR A 130 -14.44 17.39 5.09
C THR A 130 -14.49 15.87 5.30
N LEU A 131 -15.32 15.41 6.22
CA LEU A 131 -15.45 13.94 6.49
C LEU A 131 -15.84 13.16 5.25
N ALA A 132 -15.34 11.94 5.18
CA ALA A 132 -15.79 11.01 4.15
C ALA A 132 -16.76 10.08 4.83
N PHE A 133 -18.01 10.13 4.38
CA PHE A 133 -19.04 9.20 4.82
C PHE A 133 -19.11 8.06 3.81
N MET A 134 -18.96 6.84 4.32
CA MET A 134 -19.16 5.60 3.60
C MET A 134 -20.49 4.96 4.03
N VAL A 135 -21.46 4.94 3.09
CA VAL A 135 -22.86 4.71 3.42
C VAL A 135 -23.34 3.33 3.01
N GLY A 136 -24.01 2.64 3.93
CA GLY A 136 -24.78 1.44 3.61
C GLY A 136 -26.27 1.67 3.73
N GLY A 137 -27.04 1.11 2.81
CA GLY A 137 -28.52 1.25 2.81
C GLY A 137 -29.09 1.47 1.43
N ASP A 138 -30.35 1.91 1.34
CA ASP A 138 -31.06 2.09 0.07
C ASP A 138 -30.61 3.39 -0.56
N GLU A 139 -30.41 3.37 -1.88
CA GLU A 139 -30.11 4.57 -2.64
C GLU A 139 -31.10 5.69 -2.42
N SER A 140 -32.39 5.36 -2.39
CA SER A 140 -33.42 6.37 -2.15
C SER A 140 -33.31 7.04 -0.75
N THR A 141 -32.93 6.27 0.24
CA THR A 141 -32.70 6.79 1.59
C THR A 141 -31.42 7.67 1.65
N LEU A 142 -30.35 7.24 1.01
CA LEU A 142 -29.17 8.11 0.93
C LEU A 142 -29.51 9.48 0.28
N ARG A 143 -30.25 9.47 -0.82
CA ARG A 143 -30.69 10.66 -1.52
C ARG A 143 -31.40 11.61 -0.57
N ARG A 144 -32.41 11.10 0.12
CA ARG A 144 -33.08 11.89 1.16
C ARG A 144 -32.08 12.41 2.23
N ALA A 145 -31.16 11.56 2.69
CA ALA A 145 -30.16 11.98 3.66
C ALA A 145 -29.12 12.99 3.09
N ARG A 146 -28.95 13.07 1.75
CA ARG A 146 -27.84 13.86 1.17
C ARG A 146 -27.70 15.31 1.69
N PRO A 147 -28.78 16.08 1.70
CA PRO A 147 -28.69 17.44 2.24
C PRO A 147 -28.29 17.58 3.70
N VAL A 148 -28.56 16.56 4.51
CA VAL A 148 -28.03 16.52 5.87
C VAL A 148 -26.56 16.23 5.93
N LEU A 149 -26.07 15.33 5.09
CA LEU A 149 -24.68 14.89 5.19
C LEU A 149 -23.71 15.90 4.57
N GLU A 150 -24.17 16.56 3.50
CA GLU A 150 -23.36 17.48 2.72
C GLU A 150 -22.69 18.55 3.58
N PRO A 151 -23.40 19.23 4.49
CA PRO A 151 -22.68 20.21 5.31
C PRO A 151 -21.67 19.65 6.35
N MET A 152 -21.66 18.34 6.56
CA MET A 152 -20.60 17.72 7.39
C MET A 152 -19.47 17.11 6.57
N ALA A 153 -19.60 17.08 5.24
CA ALA A 153 -18.87 16.12 4.44
C ALA A 153 -18.00 16.72 3.33
N GLY A 154 -16.84 16.09 3.12
CA GLY A 154 -16.04 16.25 1.93
C GLY A 154 -16.42 15.18 0.90
N LYS A 155 -16.77 13.98 1.33
CA LYS A 155 -17.28 13.02 0.38
C LYS A 155 -18.35 12.12 0.95
N ILE A 156 -19.18 11.62 0.02
CA ILE A 156 -20.24 10.70 0.37
C ILE A 156 -20.22 9.56 -0.61
N ILE A 157 -19.99 8.35 -0.13
CA ILE A 157 -19.92 7.18 -1.02
C ILE A 157 -20.91 6.15 -0.62
N HIS A 158 -21.81 5.85 -1.56
CA HIS A 158 -22.69 4.69 -1.43
C HIS A 158 -21.93 3.35 -1.67
N CYS A 159 -21.84 2.54 -0.61
CA CYS A 159 -21.05 1.34 -0.57
C CYS A 159 -21.83 0.06 -0.85
N GLY A 160 -23.16 0.15 -0.76
CA GLY A 160 -24.03 -0.97 -0.99
C GLY A 160 -25.13 -0.97 0.04
N ALA A 161 -25.74 -2.15 0.23
CA ALA A 161 -26.82 -2.35 1.24
C ALA A 161 -26.31 -2.19 2.71
N ALA A 162 -27.23 -2.26 3.65
CA ALA A 162 -26.94 -1.95 5.01
C ALA A 162 -25.77 -2.77 5.51
N GLY A 163 -24.84 -2.10 6.20
CA GLY A 163 -23.55 -2.66 6.65
C GLY A 163 -22.35 -2.46 5.70
N ALA A 164 -22.65 -2.15 4.44
CA ALA A 164 -21.61 -2.01 3.45
C ALA A 164 -20.66 -0.81 3.81
N GLY A 165 -21.17 0.19 4.52
CA GLY A 165 -20.35 1.36 4.90
C GLY A 165 -19.30 1.00 5.95
N GLN A 166 -19.73 0.27 6.98
CA GLN A 166 -18.84 -0.28 7.98
C GLN A 166 -17.84 -1.29 7.33
N ALA A 167 -18.36 -2.14 6.47
CA ALA A 167 -17.53 -3.10 5.74
C ALA A 167 -16.38 -2.38 4.96
N ALA A 168 -16.77 -1.38 4.17
CA ALA A 168 -15.83 -0.63 3.38
C ALA A 168 -14.74 0.11 4.21
N LYS A 169 -15.17 0.78 5.27
CA LYS A 169 -14.23 1.50 6.13
C LYS A 169 -13.30 0.52 6.84
N VAL A 170 -13.84 -0.57 7.35
CA VAL A 170 -13.00 -1.53 8.12
C VAL A 170 -12.02 -2.28 7.20
N CYS A 171 -12.42 -2.54 5.97
CA CYS A 171 -11.50 -3.16 5.02
C CYS A 171 -10.37 -2.19 4.61
N ASN A 172 -10.72 -0.97 4.25
CA ASN A 172 -9.71 0.07 3.98
C ASN A 172 -8.78 0.29 5.18
N ASN A 173 -9.35 0.38 6.39
CA ASN A 173 -8.47 0.64 7.54
C ASN A 173 -7.49 -0.52 7.91
N MET A 174 -7.88 -1.77 7.64
CA MET A 174 -7.03 -2.95 7.85
C MET A 174 -5.84 -2.91 6.88
N VAL A 175 -6.14 -2.61 5.61
CA VAL A 175 -5.09 -2.41 4.59
C VAL A 175 -4.13 -1.28 5.01
N LEU A 176 -4.67 -0.17 5.49
CA LEU A 176 -3.86 1.03 5.85
C LEU A 176 -2.83 0.73 6.92
N ALA A 177 -3.29 0.02 7.95
CA ALA A 177 -2.49 -0.38 9.07
C ALA A 177 -1.32 -1.28 8.60
N VAL A 178 -1.62 -2.22 7.73
CA VAL A 178 -0.59 -3.07 7.14
C VAL A 178 0.47 -2.24 6.39
N GLN A 179 -0.02 -1.36 5.52
CA GLN A 179 0.78 -0.44 4.78
C GLN A 179 1.65 0.45 5.69
N GLN A 180 1.09 0.91 6.82
CA GLN A 180 1.84 1.81 7.70
C GLN A 180 3.01 1.06 8.33
N ILE A 181 2.74 -0.17 8.71
CA ILE A 181 3.80 -1.00 9.25
C ILE A 181 4.83 -1.38 8.19
N ALA A 182 4.35 -1.81 7.04
CA ALA A 182 5.26 -2.22 5.95
C ALA A 182 6.25 -1.13 5.55
N ILE A 183 5.74 0.10 5.46
CA ILE A 183 6.53 1.30 5.19
C ILE A 183 7.58 1.58 6.29
N ALA A 184 7.20 1.38 7.55
CA ALA A 184 8.15 1.56 8.65
C ALA A 184 9.32 0.57 8.53
N GLU A 185 8.96 -0.67 8.16
CA GLU A 185 9.91 -1.72 7.95
C GLU A 185 10.86 -1.35 6.84
N ALA A 186 10.32 -0.85 5.72
CA ALA A 186 11.18 -0.43 4.61
C ALA A 186 12.13 0.68 5.00
N PHE A 187 11.67 1.68 5.73
CA PHE A 187 12.57 2.77 6.20
C PHE A 187 13.65 2.30 7.15
N VAL A 188 13.30 1.46 8.10
CA VAL A 188 14.28 0.91 9.04
C VAL A 188 15.32 0.04 8.29
N LEU A 189 14.82 -0.79 7.39
CA LEU A 189 15.72 -1.63 6.57
C LEU A 189 16.69 -0.78 5.71
N ALA A 190 16.15 0.25 5.05
CA ALA A 190 16.94 1.12 4.19
C ALA A 190 18.10 1.73 5.01
N GLU A 191 17.74 2.24 6.18
CA GLU A 191 18.67 2.87 7.03
C GLU A 191 19.81 1.93 7.43
N LYS A 192 19.48 0.70 7.80
CA LYS A 192 20.55 -0.29 8.12
C LYS A 192 21.35 -0.70 6.88
N LEU A 193 20.76 -0.64 5.70
CA LEU A 193 21.50 -0.85 4.47
C LEU A 193 22.35 0.32 4.01
N GLY A 194 22.34 1.44 4.73
CA GLY A 194 22.99 2.67 4.30
C GLY A 194 22.28 3.41 3.14
N LEU A 195 21.03 3.07 2.88
CA LEU A 195 20.24 3.81 1.92
C LEU A 195 19.55 4.95 2.66
N SER A 196 19.79 6.19 2.27
CA SER A 196 19.11 7.33 2.94
C SER A 196 17.53 7.33 2.90
N ALA A 197 16.94 8.01 3.87
CA ALA A 197 15.49 8.13 4.00
C ALA A 197 14.91 8.81 2.79
N GLN A 198 15.54 9.90 2.37
CA GLN A 198 15.13 10.65 1.21
C GLN A 198 15.22 9.86 -0.08
N SER A 199 16.26 9.05 -0.26
CA SER A 199 16.41 8.23 -1.49
C SER A 199 15.30 7.23 -1.58
N LEU A 200 15.10 6.51 -0.48
CA LEU A 200 14.00 5.52 -0.40
C LEU A 200 12.66 6.22 -0.65
N PHE A 201 12.46 7.37 -0.01
CA PHE A 201 11.25 8.12 -0.24
C PHE A 201 11.06 8.44 -1.71
N ASP A 202 12.09 9.02 -2.34
CA ASP A 202 12.03 9.30 -3.79
C ASP A 202 11.67 8.07 -4.59
N VAL A 203 12.34 6.95 -4.36
CA VAL A 203 12.08 5.73 -5.15
C VAL A 203 10.65 5.19 -4.91
N ILE A 204 10.28 4.91 -3.65
CA ILE A 204 8.95 4.30 -3.36
C ILE A 204 7.81 5.16 -3.87
N THR A 205 7.91 6.47 -3.67
CA THR A 205 6.79 7.34 -4.10
C THR A 205 6.66 7.40 -5.62
N GLY A 206 7.74 7.13 -6.34
CA GLY A 206 7.68 6.98 -7.81
C GLY A 206 7.57 5.57 -8.32
N ALA A 207 7.38 4.60 -7.43
CA ALA A 207 7.30 3.18 -7.79
C ALA A 207 6.01 2.53 -7.25
N THR A 208 5.92 1.22 -7.39
CA THR A 208 4.71 0.47 -7.11
C THR A 208 4.39 0.38 -5.63
N GLY A 209 5.36 0.62 -4.76
CA GLY A 209 5.13 0.63 -3.36
C GLY A 209 4.38 1.85 -2.84
N ASN A 210 4.22 2.88 -3.68
CA ASN A 210 3.64 4.14 -3.19
C ASN A 210 2.26 4.02 -2.59
N CYS A 211 2.03 4.73 -1.48
CA CYS A 211 0.74 4.77 -0.81
C CYS A 211 0.80 5.91 0.22
N TRP A 212 -0.37 6.29 0.72
CA TRP A 212 -0.56 7.44 1.64
C TRP A 212 0.34 7.36 2.85
N ALA A 213 0.51 6.14 3.37
CA ALA A 213 1.33 5.88 4.53
C ALA A 213 2.78 6.38 4.38
N VAL A 214 3.24 6.52 3.13
CA VAL A 214 4.51 7.12 2.84
C VAL A 214 4.37 8.48 2.23
N HIS A 215 3.57 8.69 1.18
CA HIS A 215 3.57 10.02 0.53
C HIS A 215 3.06 11.17 1.41
N THR A 216 2.18 10.86 2.36
CA THR A 216 1.66 11.83 3.33
C THR A 216 2.01 11.51 4.81
N ASN A 217 2.12 10.24 5.21
CA ASN A 217 2.35 9.92 6.64
C ASN A 217 3.75 9.40 6.92
N CYS A 218 4.69 9.69 6.02
CA CYS A 218 6.09 9.28 6.15
C CYS A 218 6.60 9.24 7.62
N PRO A 219 7.02 8.05 8.10
CA PRO A 219 7.32 7.89 9.51
C PRO A 219 8.72 8.24 9.93
N VAL A 220 9.52 8.76 8.99
CA VAL A 220 10.84 9.38 9.29
C VAL A 220 10.79 10.86 9.04
N PRO A 221 11.44 11.70 9.87
CA PRO A 221 11.33 13.16 9.64
C PRO A 221 12.08 13.58 8.34
N GLY A 222 11.59 14.61 7.67
CA GLY A 222 12.33 15.20 6.54
C GLY A 222 11.61 15.16 5.21
N PRO A 223 11.34 13.93 4.69
CA PRO A 223 10.81 13.86 3.34
C PRO A 223 9.46 14.51 3.15
N VAL A 224 8.62 14.50 4.20
CA VAL A 224 7.29 15.13 4.17
C VAL A 224 7.20 15.95 5.45
N PRO A 225 7.62 17.25 5.38
CA PRO A 225 7.72 18.15 6.59
C PRO A 225 6.47 18.24 7.49
N THR A 226 5.27 18.11 6.91
CA THR A 226 4.04 18.11 7.67
C THR A 226 3.69 16.73 8.30
N SER A 227 4.44 15.66 8.06
CA SER A 227 3.99 14.34 8.55
C SER A 227 4.21 14.30 10.07
N PRO A 228 3.45 13.46 10.76
CA PRO A 228 3.59 13.39 12.24
C PRO A 228 4.97 13.06 12.83
N ALA A 229 5.79 12.32 12.08
CA ALA A 229 7.23 12.10 12.43
C ALA A 229 8.08 13.36 12.72
N ASN A 230 7.74 14.49 12.13
CA ASN A 230 8.40 15.78 12.32
C ASN A 230 7.85 16.60 13.49
N ASN A 231 6.72 16.16 14.02
CA ASN A 231 6.01 16.83 15.08
C ASN A 231 5.73 15.89 16.29
N ASP A 232 6.76 15.15 16.70
CA ASP A 232 6.70 14.24 17.86
C ASP A 232 5.61 13.18 17.80
N PHE A 233 5.22 12.76 16.59
CA PHE A 233 4.13 11.78 16.37
C PHE A 233 2.81 12.17 17.04
N LYS A 234 2.54 13.49 17.05
CA LYS A 234 1.24 14.03 17.47
C LYS A 234 0.20 13.56 16.41
N PRO A 235 -0.93 12.96 16.83
CA PRO A 235 -1.96 12.63 15.83
C PRO A 235 -2.49 13.91 15.17
N GLY A 236 -2.91 13.90 13.91
CA GLY A 236 -2.92 12.78 13.01
C GLY A 236 -4.02 11.78 13.30
N PHE A 237 -3.67 10.52 13.19
CA PHE A 237 -4.58 9.39 13.44
C PHE A 237 -3.95 8.49 14.52
N SER A 238 -4.55 8.50 15.71
CA SER A 238 -3.94 7.94 16.88
C SER A 238 -3.85 6.45 16.81
N THR A 239 -2.85 5.90 17.46
CA THR A 239 -2.75 4.43 17.61
C THR A 239 -4.01 3.84 18.29
N ALA A 240 -4.58 4.57 19.25
CA ALA A 240 -5.83 4.17 19.96
C ALA A 240 -7.00 3.87 19.03
N LEU A 241 -7.14 4.71 18.00
CA LEU A 241 -8.25 4.70 17.04
C LEU A 241 -7.98 3.72 15.90
N MET A 242 -6.71 3.58 15.50
CA MET A 242 -6.33 2.50 14.60
C MET A 242 -6.57 1.15 15.31
N ASN A 243 -6.14 1.07 16.55
CA ASN A 243 -6.33 -0.16 17.32
C ASN A 243 -7.84 -0.49 17.38
N LYS A 244 -8.66 0.51 17.61
CA LYS A 244 -10.13 0.33 17.59
C LYS A 244 -10.66 -0.29 16.27
N ASP A 245 -10.25 0.27 15.12
CA ASP A 245 -10.74 -0.23 13.84
C ASP A 245 -10.25 -1.65 13.56
N LEU A 246 -9.04 -1.93 14.00
CA LEU A 246 -8.48 -3.28 13.79
C LEU A 246 -9.20 -4.30 14.62
N GLY A 247 -9.66 -3.92 15.80
CA GLY A 247 -10.43 -4.86 16.64
C GLY A 247 -11.72 -5.27 15.91
N LEU A 248 -12.36 -4.27 15.30
CA LEU A 248 -13.51 -4.46 14.45
C LEU A 248 -13.19 -5.27 13.18
N ALA A 249 -12.01 -5.07 12.62
CA ALA A 249 -11.57 -5.93 11.54
C ALA A 249 -11.43 -7.37 12.01
N MET A 250 -10.85 -7.59 13.19
CA MET A 250 -10.71 -8.95 13.70
C MET A 250 -12.07 -9.60 14.07
N ASP A 251 -13.03 -8.80 14.51
CA ASP A 251 -14.41 -9.30 14.72
C ASP A 251 -15.03 -9.74 13.38
N ALA A 252 -14.89 -8.91 12.36
CA ALA A 252 -15.38 -9.26 11.05
C ALA A 252 -14.69 -10.53 10.48
N VAL A 253 -13.41 -10.71 10.78
CA VAL A 253 -12.67 -11.89 10.32
C VAL A 253 -13.17 -13.10 11.10
N ALA A 254 -13.37 -12.95 12.40
CA ALA A 254 -13.87 -14.10 13.21
C ALA A 254 -15.28 -14.45 12.77
N ALA A 255 -16.10 -13.43 12.54
CA ALA A 255 -17.50 -13.64 12.18
C ALA A 255 -17.73 -14.36 10.85
N THR A 256 -16.83 -14.13 9.91
CA THR A 256 -16.93 -14.72 8.55
C THR A 256 -16.10 -15.99 8.35
N GLY A 257 -15.18 -16.30 9.26
CA GLY A 257 -14.16 -17.33 9.03
C GLY A 257 -13.16 -16.94 7.94
N ALA A 258 -12.83 -15.65 7.82
CA ALA A 258 -11.92 -15.17 6.77
C ALA A 258 -10.50 -15.58 7.11
N THR A 259 -9.64 -15.59 6.09
CA THR A 259 -8.22 -15.88 6.27
C THR A 259 -7.44 -14.58 5.98
N ALA A 260 -7.08 -13.85 7.03
CA ALA A 260 -6.37 -12.59 6.90
C ALA A 260 -5.06 -12.53 7.73
N PRO A 261 -3.99 -13.20 7.24
CA PRO A 261 -2.77 -13.26 8.01
C PRO A 261 -2.10 -11.92 8.25
N LEU A 262 -1.93 -11.11 7.22
CA LEU A 262 -1.20 -9.89 7.43
C LEU A 262 -2.08 -8.82 8.17
N GLY A 263 -3.37 -8.79 7.86
CA GLY A 263 -4.29 -7.91 8.60
C GLY A 263 -4.28 -8.27 10.07
N SER A 264 -4.39 -9.57 10.38
CA SER A 264 -4.32 -10.03 11.80
C SER A 264 -3.00 -9.81 12.46
N HIS A 265 -1.92 -9.93 11.73
CA HIS A 265 -0.61 -9.68 12.33
C HIS A 265 -0.54 -8.19 12.66
N ALA A 266 -1.05 -7.35 11.75
CA ALA A 266 -1.03 -5.90 11.97
C ALA A 266 -1.82 -5.53 13.21
N ALA A 267 -2.94 -6.22 13.37
CA ALA A 267 -3.83 -6.02 14.49
C ALA A 267 -3.11 -6.32 15.80
N ASP A 268 -2.38 -7.44 15.84
N ASP A 268 -2.39 -7.45 15.82
CA ASP A 268 -1.57 -7.80 17.02
CA ASP A 268 -1.60 -7.83 16.97
C ASP A 268 -0.57 -6.75 17.29
C ASP A 268 -0.54 -6.81 17.27
N ILE A 269 0.15 -6.35 16.24
CA ILE A 269 1.21 -5.36 16.40
C ILE A 269 0.66 -4.08 17.03
N TYR A 270 -0.46 -3.57 16.51
CA TYR A 270 -0.99 -2.29 17.04
C TYR A 270 -1.65 -2.43 18.43
N ALA A 271 -2.24 -3.59 18.74
CA ALA A 271 -2.86 -3.82 20.06
C ALA A 271 -1.79 -3.72 21.12
N LYS A 272 -0.67 -4.38 20.88
CA LYS A 272 0.53 -4.28 21.73
C LYS A 272 1.06 -2.85 21.81
N PHE A 273 1.18 -2.20 20.68
CA PHE A 273 1.68 -0.83 20.66
C PHE A 273 0.74 0.16 21.38
N ALA A 274 -0.56 -0.08 21.29
CA ALA A 274 -1.53 0.77 21.97
C ALA A 274 -1.42 0.67 23.51
N ALA A 275 -0.88 -0.45 24.01
CA ALA A 275 -0.58 -0.58 25.45
C ALA A 275 0.41 0.44 26.00
N ASP A 276 1.29 0.97 25.16
CA ASP A 276 2.30 2.00 25.55
C ASP A 276 2.11 3.37 24.94
N HIS A 277 1.62 3.41 23.70
CA HIS A 277 1.66 4.64 22.89
C HIS A 277 0.32 4.96 22.18
N ALA A 278 -0.78 4.64 22.86
CA ALA A 278 -2.11 4.86 22.31
C ALA A 278 -2.32 6.29 21.80
N ASP A 279 -1.64 7.24 22.43
CA ASP A 279 -1.78 8.67 22.15
C ASP A 279 -0.89 9.16 21.00
N LEU A 280 -0.05 8.32 20.46
CA LEU A 280 0.78 8.72 19.33
C LEU A 280 0.15 8.38 17.99
N ASP A 281 0.48 9.17 16.96
CA ASP A 281 0.07 8.80 15.60
C ASP A 281 0.49 7.36 15.35
N PHE A 282 -0.35 6.63 14.62
CA PHE A 282 -0.12 5.20 14.33
C PHE A 282 1.16 4.91 13.54
N SER A 283 1.69 5.94 12.87
CA SER A 283 2.96 5.85 12.12
C SER A 283 4.14 5.67 13.07
N ALA A 284 3.93 6.07 14.35
CA ALA A 284 4.95 5.81 15.38
C ALA A 284 5.31 4.35 15.59
N VAL A 285 4.52 3.42 15.06
CA VAL A 285 4.85 1.98 15.04
C VAL A 285 6.29 1.65 14.58
N ILE A 286 6.90 2.57 13.83
CA ILE A 286 8.26 2.42 13.37
C ILE A 286 9.22 2.19 14.51
N HIS A 287 8.92 2.71 15.70
CA HIS A 287 9.82 2.58 16.87
C HIS A 287 9.48 1.46 17.87
N THR A 288 8.61 0.57 17.47
CA THR A 288 8.23 -0.58 18.29
C THR A 288 8.55 -1.92 17.59
N LEU A 289 9.26 -1.87 16.46
CA LEU A 289 9.53 -3.09 15.68
C LEU A 289 10.54 -4.00 16.42
N ARG A 290 11.41 -3.41 17.23
CA ARG A 290 12.37 -4.20 17.99
C ARG A 290 11.74 -4.85 19.25
N ALA A 291 10.51 -4.52 19.54
CA ALA A 291 9.74 -5.20 20.58
C ALA A 291 9.40 -6.58 20.00
N ARG A 292 9.12 -6.63 18.69
CA ARG A 292 8.84 -7.85 17.97
C ARG A 292 10.14 -8.63 17.79
C MET B 1 27.62 7.71 -28.08
N MET B 2 28.00 7.41 -29.34
CA MET B 2 28.21 6.01 -29.84
C MET B 2 29.37 5.25 -29.17
N THR B 3 28.99 4.39 -28.25
CA THR B 3 29.88 3.54 -27.50
C THR B 3 29.86 2.10 -27.97
N THR B 4 30.95 1.37 -27.70
CA THR B 4 30.93 -0.09 -27.80
C THR B 4 30.53 -0.73 -26.45
N ILE B 5 29.49 -1.55 -26.46
CA ILE B 5 28.97 -2.17 -25.23
C ILE B 5 29.06 -3.69 -25.28
N ALA B 6 29.68 -4.30 -24.28
CA ALA B 6 29.56 -5.74 -24.14
C ALA B 6 28.32 -6.03 -23.32
N PHE B 7 27.45 -6.95 -23.74
CA PHE B 7 26.22 -7.26 -23.04
C PHE B 7 26.27 -8.74 -22.68
N LEU B 8 26.42 -9.03 -21.38
CA LEU B 8 26.56 -10.38 -20.89
C LEU B 8 25.30 -10.79 -20.17
N GLY B 9 24.56 -11.73 -20.78
CA GLY B 9 23.21 -12.13 -20.35
C GLY B 9 22.18 -11.56 -21.33
N LEU B 10 21.71 -12.42 -22.25
CA LEU B 10 20.81 -12.07 -23.34
C LEU B 10 19.45 -12.82 -23.29
N GLY B 11 18.95 -12.99 -22.08
CA GLY B 11 17.67 -13.65 -21.83
C GLY B 11 16.51 -12.69 -21.96
N ASN B 12 15.41 -13.00 -21.29
CA ASN B 12 14.14 -12.25 -21.40
C ASN B 12 14.25 -10.75 -21.28
N MET B 13 15.14 -10.30 -20.41
CA MET B 13 15.41 -8.91 -20.20
C MET B 13 16.56 -8.46 -21.07
N GLY B 14 17.66 -9.19 -21.04
CA GLY B 14 18.87 -8.74 -21.71
C GLY B 14 18.71 -8.62 -23.22
N ALA B 15 17.98 -9.55 -23.85
CA ALA B 15 17.74 -9.47 -25.31
C ALA B 15 17.03 -8.17 -25.75
N PRO B 16 15.82 -7.88 -25.19
CA PRO B 16 15.16 -6.60 -25.56
C PRO B 16 15.97 -5.37 -25.19
N MET B 17 16.59 -5.38 -24.01
CA MET B 17 17.53 -4.33 -23.62
C MET B 17 18.64 -4.09 -24.66
N SER B 18 19.29 -5.16 -25.12
CA SER B 18 20.41 -5.01 -26.07
C SER B 18 19.92 -4.58 -27.43
N ALA B 19 18.72 -5.01 -27.81
CA ALA B 19 18.08 -4.54 -29.05
C ALA B 19 17.91 -3.05 -29.09
N ASN B 20 17.41 -2.48 -28.01
CA ASN B 20 17.30 -1.01 -27.92
C ASN B 20 18.66 -0.32 -28.02
N LEU B 21 19.70 -0.93 -27.47
CA LEU B 21 21.02 -0.33 -27.61
C LEU B 21 21.51 -0.34 -29.07
N VAL B 22 21.28 -1.44 -29.77
CA VAL B 22 21.57 -1.55 -31.21
C VAL B 22 20.83 -0.45 -31.98
N GLY B 23 19.54 -0.31 -31.64
CA GLY B 23 18.62 0.62 -32.29
C GLY B 23 19.09 2.02 -32.04
N ALA B 24 19.73 2.27 -30.90
CA ALA B 24 20.26 3.60 -30.61
C ALA B 24 21.59 3.92 -31.31
N GLY B 25 22.14 2.96 -32.05
CA GLY B 25 23.41 3.19 -32.81
C GLY B 25 24.64 2.65 -32.12
N HIS B 26 24.52 2.04 -30.95
CA HIS B 26 25.70 1.40 -30.26
C HIS B 26 26.15 0.11 -30.94
N VAL B 27 27.43 -0.20 -30.85
CA VAL B 27 27.94 -1.47 -31.28
C VAL B 27 27.79 -2.35 -30.04
N VAL B 28 26.99 -3.42 -30.16
CA VAL B 28 26.77 -4.30 -29.01
C VAL B 28 27.43 -5.67 -29.24
N ARG B 29 28.32 -6.02 -28.31
CA ARG B 29 29.03 -7.30 -28.35
C ARG B 29 28.41 -8.23 -27.26
N GLY B 30 27.78 -9.33 -27.64
CA GLY B 30 26.98 -10.11 -26.72
C GLY B 30 27.61 -11.43 -26.31
N PHE B 31 27.31 -11.88 -25.13
CA PHE B 31 27.59 -13.24 -24.81
C PHE B 31 26.49 -13.75 -23.87
N ASP B 32 26.10 -14.99 -24.10
CA ASP B 32 25.20 -15.74 -23.24
C ASP B 32 25.54 -17.19 -23.48
N PRO B 33 25.68 -18.02 -22.45
CA PRO B 33 26.00 -19.45 -22.67
C PRO B 33 24.81 -20.32 -23.14
N ALA B 34 23.59 -19.81 -23.11
CA ALA B 34 22.46 -20.49 -23.76
C ALA B 34 22.45 -20.00 -25.22
N PRO B 35 22.84 -20.85 -26.19
CA PRO B 35 22.86 -20.45 -27.61
C PRO B 35 21.54 -19.96 -28.18
N THR B 36 20.42 -20.44 -27.63
CA THR B 36 19.08 -19.91 -28.01
C THR B 36 18.96 -18.42 -27.78
N ALA B 37 19.38 -18.00 -26.59
CA ALA B 37 19.41 -16.61 -26.22
C ALA B 37 20.35 -15.80 -27.12
N ALA B 38 21.59 -16.25 -27.29
CA ALA B 38 22.57 -15.58 -28.19
C ALA B 38 22.03 -15.36 -29.61
N SER B 39 21.47 -16.42 -30.16
CA SER B 39 20.90 -16.40 -31.53
C SER B 39 19.77 -15.34 -31.66
N GLY B 40 18.85 -15.28 -30.70
CA GLY B 40 17.78 -14.22 -30.65
C GLY B 40 18.34 -12.81 -30.66
N ALA B 41 19.37 -12.57 -29.86
CA ALA B 41 20.00 -11.25 -29.80
C ALA B 41 20.77 -10.89 -31.10
N ALA B 42 21.48 -11.87 -31.68
CA ALA B 42 22.16 -11.70 -32.99
C ALA B 42 21.19 -11.32 -34.11
N ALA B 43 20.01 -11.90 -34.07
CA ALA B 43 18.94 -11.53 -35.06
C ALA B 43 18.54 -10.07 -35.00
N HIS B 44 18.57 -9.46 -33.81
N HIS B 44 18.60 -9.44 -33.83
CA HIS B 44 18.31 -8.03 -33.63
CA HIS B 44 18.28 -8.02 -33.70
C HIS B 44 19.60 -7.16 -33.63
C HIS B 44 19.55 -7.13 -33.77
N GLY B 45 20.71 -7.72 -34.12
CA GLY B 45 21.94 -6.93 -34.41
C GLY B 45 23.09 -6.97 -33.43
N VAL B 46 22.99 -7.78 -32.37
CA VAL B 46 24.10 -7.96 -31.43
C VAL B 46 25.16 -8.83 -32.12
N ALA B 47 26.41 -8.44 -32.02
CA ALA B 47 27.46 -9.28 -32.49
C ALA B 47 27.76 -10.24 -31.30
N VAL B 48 27.51 -11.52 -31.52
CA VAL B 48 27.61 -12.53 -30.48
C VAL B 48 29.05 -13.12 -30.54
N PHE B 49 29.71 -13.23 -29.38
CA PHE B 49 31.04 -13.85 -29.28
C PHE B 49 30.98 -15.26 -28.65
N ARG B 50 32.09 -15.95 -28.76
CA ARG B 50 32.24 -17.33 -28.31
C ARG B 50 32.38 -17.42 -26.74
N SER B 51 32.91 -16.36 -26.13
CA SER B 51 33.20 -16.35 -24.68
C SER B 51 32.93 -14.95 -24.15
N ALA B 52 32.60 -14.88 -22.87
CA ALA B 52 32.42 -13.63 -22.18
C ALA B 52 33.67 -12.77 -22.29
N PRO B 53 34.87 -13.34 -22.06
CA PRO B 53 36.10 -12.54 -22.20
C PRO B 53 36.37 -11.94 -23.55
N GLU B 54 35.99 -12.64 -24.59
CA GLU B 54 36.11 -12.07 -25.92
C GLU B 54 35.17 -10.92 -26.10
N ALA B 55 33.92 -11.08 -25.67
CA ALA B 55 32.95 -9.98 -25.74
C ALA B 55 33.45 -8.71 -25.11
N VAL B 56 34.01 -8.84 -23.93
CA VAL B 56 34.44 -7.70 -23.21
C VAL B 56 35.78 -7.09 -23.63
N ALA B 57 36.50 -7.75 -24.51
CA ALA B 57 37.88 -7.31 -24.82
C ALA B 57 37.95 -5.90 -25.37
N GLU B 58 37.00 -5.52 -26.19
CA GLU B 58 37.02 -4.25 -26.90
C GLU B 58 35.85 -3.37 -26.49
N ALA B 59 35.38 -3.44 -25.25
CA ALA B 59 34.23 -2.62 -24.85
C ALA B 59 34.62 -1.45 -23.97
N ASP B 60 33.90 -0.34 -24.13
CA ASP B 60 34.01 0.79 -23.21
C ASP B 60 33.12 0.56 -22.01
N VAL B 61 32.07 -0.26 -22.23
CA VAL B 61 31.02 -0.52 -21.24
C VAL B 61 30.66 -1.99 -21.28
N VAL B 62 30.49 -2.55 -20.07
CA VAL B 62 30.08 -3.95 -19.90
C VAL B 62 28.83 -3.99 -19.05
N ILE B 63 27.74 -4.51 -19.61
CA ILE B 63 26.47 -4.66 -18.90
C ILE B 63 26.31 -6.13 -18.62
N THR B 64 25.98 -6.46 -17.37
CA THR B 64 25.57 -7.79 -17.00
C THR B 64 24.04 -7.79 -16.63
N MET B 65 23.36 -8.84 -17.08
CA MET B 65 21.95 -9.05 -16.78
C MET B 65 21.71 -10.54 -16.54
N LEU B 66 21.96 -10.98 -15.31
CA LEU B 66 22.18 -12.36 -14.97
C LEU B 66 21.34 -12.82 -13.77
N PRO B 67 21.13 -14.13 -13.61
CA PRO B 67 20.05 -14.55 -12.70
C PRO B 67 20.35 -14.41 -11.21
N THR B 68 21.62 -14.55 -10.81
CA THR B 68 21.98 -14.50 -9.39
C THR B 68 23.27 -13.76 -9.10
N GLY B 69 23.49 -13.46 -7.81
CA GLY B 69 24.76 -12.94 -7.35
C GLY B 69 25.93 -13.87 -7.59
N GLU B 70 25.71 -15.15 -7.39
CA GLU B 70 26.71 -16.17 -7.74
C GLU B 70 27.16 -16.11 -9.23
N VAL B 71 26.20 -16.05 -10.11
CA VAL B 71 26.50 -16.00 -11.53
C VAL B 71 27.21 -14.65 -11.86
N VAL B 72 26.76 -13.55 -11.27
CA VAL B 72 27.47 -12.26 -11.46
C VAL B 72 28.92 -12.31 -10.95
N ARG B 73 29.11 -12.84 -9.75
CA ARG B 73 30.42 -12.99 -9.14
C ARG B 73 31.32 -13.85 -10.04
N ARG B 74 30.77 -14.95 -10.51
CA ARG B 74 31.55 -15.84 -11.38
C ARG B 74 31.92 -15.20 -12.71
N CYS B 75 30.99 -14.50 -13.33
CA CYS B 75 31.21 -13.78 -14.58
C CYS B 75 32.29 -12.67 -14.40
N TYR B 76 32.13 -11.86 -13.34
CA TYR B 76 33.18 -10.85 -13.03
C TYR B 76 34.56 -11.49 -12.90
N THR B 77 34.66 -12.62 -12.19
CA THR B 77 35.94 -13.27 -12.03
C THR B 77 36.52 -13.72 -13.38
N ASP B 78 35.70 -14.21 -14.31
CA ASP B 78 36.19 -14.68 -15.62
C ASP B 78 36.57 -13.52 -16.53
N VAL B 79 35.92 -12.39 -16.40
CA VAL B 79 36.14 -11.32 -17.34
C VAL B 79 36.87 -10.04 -16.98
N LEU B 80 36.96 -9.70 -15.71
CA LEU B 80 37.57 -8.36 -15.39
C LEU B 80 38.98 -8.18 -15.91
N ALA B 81 39.79 -9.24 -15.83
CA ALA B 81 41.17 -9.22 -16.37
C ALA B 81 41.21 -9.02 -17.87
N ALA B 82 40.17 -9.42 -18.57
CA ALA B 82 40.10 -9.30 -20.05
C ALA B 82 39.72 -7.92 -20.53
N ALA B 83 39.09 -7.09 -19.67
CA ALA B 83 38.58 -5.79 -20.09
C ALA B 83 39.70 -4.80 -20.12
N ARG B 84 39.51 -3.73 -20.86
CA ARG B 84 40.50 -2.68 -20.88
C ARG B 84 40.38 -1.89 -19.56
N PRO B 85 41.53 -1.42 -18.99
CA PRO B 85 41.49 -0.56 -17.76
C PRO B 85 40.54 0.63 -17.83
N ALA B 86 39.87 0.87 -16.72
CA ALA B 86 38.81 1.91 -16.59
C ALA B 86 37.61 1.75 -17.54
N THR B 87 37.31 0.49 -17.86
CA THR B 87 36.04 0.11 -18.49
C THR B 87 34.92 0.26 -17.44
N LEU B 88 33.73 0.70 -17.90
CA LEU B 88 32.57 0.92 -17.04
C LEU B 88 31.72 -0.33 -17.04
N PHE B 89 31.58 -0.99 -15.89
CA PHE B 89 30.70 -2.16 -15.67
C PHE B 89 29.40 -1.69 -15.01
N ILE B 90 28.26 -2.12 -15.54
CA ILE B 90 26.94 -1.81 -14.93
C ILE B 90 26.30 -3.17 -14.75
N ASP B 91 26.02 -3.54 -13.52
CA ASP B 91 25.24 -4.73 -13.24
C ASP B 91 23.82 -4.32 -13.06
N SER B 92 23.00 -4.75 -14.01
CA SER B 92 21.56 -4.56 -13.97
C SER B 92 20.79 -5.81 -13.54
N SER B 93 21.49 -6.90 -13.22
CA SER B 93 20.88 -8.00 -12.41
C SER B 93 20.32 -7.54 -11.02
N THR B 94 19.35 -8.30 -10.51
CA THR B 94 18.79 -8.11 -9.19
C THR B 94 19.40 -9.18 -8.33
N ILE B 95 20.30 -8.73 -7.46
CA ILE B 95 21.02 -9.54 -6.55
C ILE B 95 21.03 -8.88 -5.18
N SER B 96 21.50 -9.63 -4.19
CA SER B 96 21.55 -9.11 -2.83
C SER B 96 22.46 -7.90 -2.69
N VAL B 97 22.16 -7.08 -1.71
CA VAL B 97 23.00 -5.95 -1.42
C VAL B 97 24.42 -6.36 -1.06
N THR B 98 24.56 -7.43 -0.28
CA THR B 98 25.90 -7.99 0.03
C THR B 98 26.66 -8.41 -1.22
N ASP B 99 26.00 -9.13 -2.10
CA ASP B 99 26.60 -9.53 -3.35
C ASP B 99 27.01 -8.30 -4.21
N ALA B 100 26.15 -7.27 -4.28
CA ALA B 100 26.43 -6.09 -5.08
C ALA B 100 27.69 -5.31 -4.64
N ARG B 101 27.83 -5.16 -3.35
CA ARG B 101 29.00 -4.56 -2.74
C ARG B 101 30.28 -5.40 -2.94
N GLU B 102 30.20 -6.70 -2.67
CA GLU B 102 31.34 -7.58 -2.93
C GLU B 102 31.80 -7.41 -4.41
N VAL B 103 30.87 -7.57 -5.36
CA VAL B 103 31.25 -7.48 -6.75
C VAL B 103 31.63 -6.09 -7.22
N HIS B 104 31.06 -5.05 -6.62
CA HIS B 104 31.48 -3.69 -6.91
C HIS B 104 32.94 -3.50 -6.54
N ALA B 105 33.28 -3.92 -5.32
CA ALA B 105 34.67 -3.88 -4.85
C ALA B 105 35.61 -4.75 -5.72
N LEU B 106 35.13 -5.88 -6.18
CA LEU B 106 35.94 -6.72 -7.03
C LEU B 106 36.25 -5.98 -8.33
N ALA B 107 35.25 -5.31 -8.89
CA ALA B 107 35.44 -4.61 -10.15
C ALA B 107 36.44 -3.44 -9.98
N GLU B 108 36.32 -2.71 -8.87
CA GLU B 108 37.20 -1.55 -8.65
C GLU B 108 38.62 -1.97 -8.39
N SER B 109 38.82 -3.05 -7.63
CA SER B 109 40.17 -3.60 -7.44
C SER B 109 40.87 -4.03 -8.76
N HIS B 110 40.10 -4.34 -9.81
CA HIS B 110 40.66 -4.64 -11.17
C HIS B 110 40.78 -3.38 -12.06
N GLY B 111 40.57 -2.19 -11.51
CA GLY B 111 40.69 -0.95 -12.24
C GLY B 111 39.48 -0.52 -13.04
N MET B 112 38.30 -1.08 -12.71
CA MET B 112 37.05 -0.81 -13.45
C MET B 112 36.08 0.05 -12.67
N LEU B 113 35.38 0.91 -13.37
CA LEU B 113 34.25 1.62 -12.81
C LEU B 113 33.08 0.63 -12.71
N GLN B 114 32.29 0.72 -11.62
CA GLN B 114 31.14 -0.17 -11.53
C GLN B 114 29.97 0.46 -10.88
N LEU B 115 28.78 0.18 -11.42
CA LEU B 115 27.51 0.60 -10.81
C LEU B 115 26.59 -0.63 -10.61
N ASP B 116 25.68 -0.60 -9.61
CA ASP B 116 24.52 -1.49 -9.62
C ASP B 116 23.39 -0.64 -10.16
N ALA B 117 22.65 -1.20 -11.10
CA ALA B 117 21.55 -0.54 -11.78
C ALA B 117 20.44 -1.56 -12.09
N PRO B 118 19.91 -2.23 -11.07
CA PRO B 118 18.80 -3.13 -11.27
C PRO B 118 17.55 -2.36 -11.72
N VAL B 119 16.60 -3.08 -12.29
CA VAL B 119 15.53 -2.43 -13.06
C VAL B 119 14.20 -2.95 -12.66
N SER B 120 13.18 -2.08 -12.75
CA SER B 120 11.81 -2.58 -12.74
C SER B 120 11.08 -2.33 -14.08
N GLY B 121 10.03 -3.09 -14.34
CA GLY B 121 9.25 -2.99 -15.56
C GLY B 121 9.06 -4.29 -16.36
N GLY B 122 9.75 -5.37 -16.00
CA GLY B 122 9.67 -6.67 -16.66
C GLY B 122 10.06 -6.59 -18.13
N VAL B 123 9.70 -7.65 -18.85
CA VAL B 123 10.03 -7.77 -20.27
C VAL B 123 9.32 -6.71 -21.13
N LYS B 124 8.13 -6.29 -20.73
CA LYS B 124 7.40 -5.27 -21.52
C LYS B 124 8.04 -3.94 -21.40
N GLY B 125 8.44 -3.62 -20.18
CA GLY B 125 9.23 -2.40 -19.95
C GLY B 125 10.52 -2.43 -20.77
N ALA B 126 11.16 -3.59 -20.74
CA ALA B 126 12.42 -3.82 -21.42
C ALA B 126 12.30 -3.56 -22.92
N ALA B 127 11.27 -4.15 -23.53
CA ALA B 127 11.12 -4.03 -24.97
C ALA B 127 10.76 -2.61 -25.40
N ALA B 128 9.91 -1.92 -24.62
CA ALA B 128 9.50 -0.53 -24.92
C ALA B 128 10.46 0.50 -24.44
N ALA B 129 11.50 0.08 -23.70
CA ALA B 129 12.53 0.98 -23.15
C ALA B 129 11.95 1.99 -22.12
N THR B 130 11.07 1.45 -21.25
CA THR B 130 10.48 2.22 -20.13
C THR B 130 10.90 1.68 -18.75
N LEU B 131 11.99 0.92 -18.68
CA LEU B 131 12.45 0.40 -17.41
C LEU B 131 12.81 1.51 -16.45
N ALA B 132 12.62 1.28 -15.16
CA ALA B 132 13.22 2.18 -14.17
C ALA B 132 14.56 1.60 -13.78
N PHE B 133 15.63 2.37 -13.90
CA PHE B 133 16.95 1.99 -13.40
C PHE B 133 17.15 2.59 -12.01
N MET B 134 17.50 1.77 -11.01
CA MET B 134 17.76 2.29 -9.67
C MET B 134 19.22 2.05 -9.43
N VAL B 135 20.01 3.13 -9.35
CA VAL B 135 21.47 3.11 -9.46
C VAL B 135 22.17 3.38 -8.15
N GLY B 136 23.12 2.51 -7.85
CA GLY B 136 24.06 2.69 -6.73
C GLY B 136 25.47 2.87 -7.28
N GLY B 137 26.18 3.85 -6.71
CA GLY B 137 27.59 4.09 -7.07
C GLY B 137 27.87 5.58 -7.18
N ASP B 138 28.98 5.95 -7.82
CA ASP B 138 29.45 7.35 -7.82
C ASP B 138 28.63 8.19 -8.75
N GLU B 139 28.42 9.47 -8.41
CA GLU B 139 27.62 10.38 -9.28
C GLU B 139 28.27 10.62 -10.64
N SER B 140 29.59 10.72 -10.65
CA SER B 140 30.32 10.91 -11.87
C SER B 140 30.31 9.66 -12.78
N THR B 141 30.34 8.49 -12.19
CA THR B 141 30.17 7.25 -12.94
C THR B 141 28.75 7.13 -13.60
N LEU B 142 27.72 7.58 -12.90
CA LEU B 142 26.38 7.59 -13.47
C LEU B 142 26.29 8.56 -14.66
N ARG B 143 27.00 9.69 -14.56
CA ARG B 143 27.06 10.76 -15.61
C ARG B 143 27.60 10.15 -16.89
N ARG B 144 28.75 9.52 -16.77
CA ARG B 144 29.33 8.75 -17.87
C ARG B 144 28.37 7.69 -18.45
N ALA B 145 27.67 6.95 -17.59
CA ALA B 145 26.75 5.90 -18.00
C ALA B 145 25.43 6.34 -18.66
N ARG B 146 24.95 7.55 -18.35
CA ARG B 146 23.61 7.99 -18.77
C ARG B 146 23.27 7.79 -20.24
N PRO B 147 24.15 8.22 -21.16
CA PRO B 147 23.86 7.98 -22.60
C PRO B 147 23.62 6.52 -23.00
N VAL B 148 24.24 5.59 -22.26
CA VAL B 148 24.04 4.17 -22.45
C VAL B 148 22.73 3.66 -21.83
N LEU B 149 22.42 4.13 -20.63
CA LEU B 149 21.16 3.76 -19.96
C LEU B 149 19.90 4.37 -20.58
N GLU B 150 20.04 5.54 -21.18
CA GLU B 150 18.86 6.32 -21.64
C GLU B 150 18.10 5.61 -22.73
N PRO B 151 18.77 5.00 -23.72
CA PRO B 151 17.92 4.32 -24.71
C PRO B 151 17.21 3.08 -24.21
N MET B 152 17.46 2.67 -22.97
CA MET B 152 16.78 1.52 -22.31
C MET B 152 15.69 1.89 -21.25
N ALA B 153 15.58 3.17 -20.94
CA ALA B 153 14.99 3.63 -19.67
C ALA B 153 13.80 4.59 -19.81
N GLY B 154 12.81 4.42 -18.94
CA GLY B 154 11.77 5.41 -18.72
C GLY B 154 12.29 6.35 -17.65
N LYS B 155 12.91 5.81 -16.59
CA LYS B 155 13.66 6.60 -15.65
C LYS B 155 14.95 5.99 -15.12
N ILE B 156 15.83 6.90 -14.69
CA ILE B 156 17.10 6.59 -14.09
C ILE B 156 17.06 7.36 -12.79
N ILE B 157 17.22 6.68 -11.68
CA ILE B 157 17.28 7.38 -10.41
C ILE B 157 18.49 6.94 -9.62
N HIS B 158 19.30 7.92 -9.25
CA HIS B 158 20.43 7.69 -8.36
C HIS B 158 20.00 7.50 -6.90
N CYS B 159 20.34 6.36 -6.30
CA CYS B 159 19.90 5.98 -4.98
C CYS B 159 20.95 6.16 -3.89
N GLY B 160 22.22 6.22 -4.25
CA GLY B 160 23.27 6.41 -3.25
C GLY B 160 24.55 5.68 -3.66
N ALA B 161 25.38 5.32 -2.66
CA ALA B 161 26.67 4.64 -2.92
C ALA B 161 26.39 3.23 -3.42
N ALA B 162 27.44 2.54 -3.84
CA ALA B 162 27.32 1.19 -4.37
C ALA B 162 26.44 0.29 -3.50
N GLY B 163 25.52 -0.41 -4.12
CA GLY B 163 24.55 -1.22 -3.37
C GLY B 163 23.15 -0.59 -3.19
N ALA B 164 23.06 0.72 -3.26
CA ALA B 164 21.80 1.44 -2.90
C ALA B 164 20.68 1.25 -3.93
N GLY B 165 21.06 0.89 -5.15
CA GLY B 165 20.13 0.54 -6.17
C GLY B 165 19.40 -0.75 -5.81
N GLN B 166 20.19 -1.78 -5.50
CA GLN B 166 19.65 -3.07 -5.08
C GLN B 166 18.82 -2.86 -3.80
N ALA B 167 19.33 -2.03 -2.88
CA ALA B 167 18.60 -1.77 -1.60
C ALA B 167 17.24 -1.15 -1.85
N ALA B 168 17.22 -0.08 -2.63
CA ALA B 168 15.97 0.61 -2.99
C ALA B 168 14.93 -0.29 -3.62
N LYS B 169 15.36 -1.05 -4.62
CA LYS B 169 14.47 -1.99 -5.32
C LYS B 169 13.88 -3.05 -4.37
N VAL B 170 14.73 -3.66 -3.56
CA VAL B 170 14.30 -4.72 -2.66
C VAL B 170 13.37 -4.17 -1.55
N CYS B 171 13.68 -2.98 -1.03
CA CYS B 171 12.79 -2.31 -0.07
C CYS B 171 11.36 -2.06 -0.65
N ASN B 172 11.29 -1.51 -1.86
CA ASN B 172 10.03 -1.27 -2.55
C ASN B 172 9.30 -2.54 -2.79
N ASN B 173 10.00 -3.57 -3.26
CA ASN B 173 9.34 -4.84 -3.64
C ASN B 173 8.86 -5.66 -2.42
N MET B 174 9.56 -5.50 -1.28
CA MET B 174 9.04 -6.03 -0.02
C MET B 174 7.70 -5.38 0.30
N VAL B 175 7.68 -4.06 0.28
CA VAL B 175 6.43 -3.31 0.48
C VAL B 175 5.32 -3.77 -0.48
N LEU B 176 5.70 -3.91 -1.75
CA LEU B 176 4.75 -4.31 -2.75
C LEU B 176 4.10 -5.65 -2.44
N ALA B 177 4.91 -6.62 -2.04
CA ALA B 177 4.44 -7.95 -1.76
C ALA B 177 3.47 -7.95 -0.61
N VAL B 178 3.85 -7.29 0.48
CA VAL B 178 2.95 -7.11 1.63
C VAL B 178 1.59 -6.46 1.23
N GLN B 179 1.64 -5.41 0.43
CA GLN B 179 0.43 -4.72 -0.10
C GLN B 179 -0.45 -5.61 -0.97
N GLN B 180 0.19 -6.45 -1.79
CA GLN B 180 -0.57 -7.34 -2.69
C GLN B 180 -1.33 -8.42 -1.96
N ILE B 181 -0.72 -8.94 -0.92
CA ILE B 181 -1.40 -9.85 -0.01
C ILE B 181 -2.56 -9.14 0.78
N ALA B 182 -2.26 -7.97 1.33
CA ALA B 182 -3.27 -7.24 2.15
C ALA B 182 -4.46 -6.79 1.34
N ILE B 183 -4.22 -6.45 0.07
CA ILE B 183 -5.26 -6.12 -0.84
C ILE B 183 -6.08 -7.39 -1.11
N ALA B 184 -5.43 -8.53 -1.34
CA ALA B 184 -6.17 -9.78 -1.52
C ALA B 184 -7.03 -10.11 -0.26
N GLU B 185 -6.47 -9.95 0.95
CA GLU B 185 -7.24 -10.15 2.18
C GLU B 185 -8.49 -9.27 2.26
N ALA B 186 -8.33 -7.97 2.03
CA ALA B 186 -9.44 -7.04 1.97
C ALA B 186 -10.55 -7.50 1.00
N PHE B 187 -10.17 -7.91 -0.21
CA PHE B 187 -11.17 -8.28 -1.21
C PHE B 187 -11.94 -9.57 -0.80
N VAL B 188 -11.26 -10.55 -0.21
CA VAL B 188 -11.94 -11.75 0.25
C VAL B 188 -12.84 -11.47 1.48
N LEU B 189 -12.33 -10.76 2.46
CA LEU B 189 -13.14 -10.32 3.59
C LEU B 189 -14.38 -9.56 3.09
N ALA B 190 -14.22 -8.62 2.17
CA ALA B 190 -15.38 -7.93 1.57
C ALA B 190 -16.43 -8.92 1.01
N GLU B 191 -15.98 -9.92 0.24
CA GLU B 191 -16.85 -10.93 -0.32
C GLU B 191 -17.63 -11.67 0.76
N LYS B 192 -16.97 -12.00 1.89
CA LYS B 192 -17.69 -12.71 2.95
C LYS B 192 -18.60 -11.78 3.71
N LEU B 193 -18.27 -10.51 3.76
CA LEU B 193 -19.14 -9.48 4.36
C LEU B 193 -20.34 -9.09 3.49
N GLY B 194 -20.42 -9.59 2.26
CA GLY B 194 -21.39 -9.09 1.28
C GLY B 194 -21.15 -7.69 0.70
N LEU B 195 -19.93 -7.16 0.83
CA LEU B 195 -19.54 -5.93 0.18
C LEU B 195 -19.02 -6.27 -1.20
N SER B 196 -19.56 -5.66 -2.28
CA SER B 196 -19.14 -6.04 -3.66
C SER B 196 -17.70 -5.63 -3.95
N ALA B 197 -17.11 -6.33 -4.91
CA ALA B 197 -15.74 -6.11 -5.31
C ALA B 197 -15.61 -4.69 -5.86
N GLN B 198 -16.52 -4.31 -6.76
CA GLN B 198 -16.53 -2.94 -7.32
C GLN B 198 -16.63 -1.88 -6.22
N SER B 199 -17.42 -2.14 -5.20
CA SER B 199 -17.62 -1.15 -4.12
C SER B 199 -16.34 -0.99 -3.31
N LEU B 200 -15.74 -2.13 -2.93
CA LEU B 200 -14.48 -2.09 -2.23
C LEU B 200 -13.41 -1.36 -3.04
N PHE B 201 -13.30 -1.70 -4.32
CA PHE B 201 -12.37 -1.02 -5.25
C PHE B 201 -12.56 0.48 -5.26
N ASP B 202 -13.80 0.88 -5.42
CA ASP B 202 -14.13 2.30 -5.46
C ASP B 202 -13.67 3.00 -4.17
N VAL B 203 -13.86 2.35 -3.03
CA VAL B 203 -13.55 3.00 -1.71
C VAL B 203 -12.06 3.06 -1.44
N ILE B 204 -11.36 1.93 -1.59
CA ILE B 204 -9.94 1.88 -1.33
C ILE B 204 -9.20 2.77 -2.31
N THR B 205 -9.57 2.76 -3.57
CA THR B 205 -8.81 3.60 -4.54
C THR B 205 -9.05 5.07 -4.34
N GLY B 206 -10.21 5.39 -3.76
CA GLY B 206 -10.52 6.78 -3.36
C GLY B 206 -10.08 7.18 -1.95
N ALA B 207 -9.41 6.27 -1.23
CA ALA B 207 -9.13 6.52 0.21
C ALA B 207 -7.64 6.24 0.52
N THR B 208 -7.30 6.13 1.79
CA THR B 208 -5.93 6.02 2.22
C THR B 208 -5.25 4.69 1.91
N GLY B 209 -6.03 3.66 1.60
CA GLY B 209 -5.44 2.36 1.27
C GLY B 209 -4.99 2.13 -0.17
N ASN B 210 -5.21 3.11 -1.03
CA ASN B 210 -4.94 2.97 -2.47
C ASN B 210 -3.47 2.75 -2.71
N CYS B 211 -3.19 1.85 -3.67
CA CYS B 211 -1.83 1.48 -4.04
C CYS B 211 -1.91 0.70 -5.34
N TRP B 212 -0.81 0.71 -6.10
CA TRP B 212 -0.66 -0.07 -7.34
C TRP B 212 -1.25 -1.48 -7.28
N ALA B 213 -1.06 -2.20 -6.19
CA ALA B 213 -1.65 -3.53 -6.07
C ALA B 213 -3.18 -3.56 -6.25
N VAL B 214 -3.86 -2.43 -5.97
CA VAL B 214 -5.29 -2.40 -6.18
C VAL B 214 -5.63 -1.68 -7.47
N HIS B 215 -5.13 -0.45 -7.65
CA HIS B 215 -5.54 0.37 -8.77
C HIS B 215 -5.10 -0.20 -10.12
N THR B 216 -3.92 -0.82 -10.17
CA THR B 216 -3.44 -1.44 -11.39
C THR B 216 -3.55 -2.97 -11.34
N ASN B 217 -3.28 -3.59 -10.19
CA ASN B 217 -3.09 -5.08 -10.13
C ASN B 217 -4.25 -5.80 -9.47
N CYS B 218 -5.38 -5.09 -9.29
CA CYS B 218 -6.61 -5.56 -8.63
C CYS B 218 -6.80 -7.08 -8.76
N PRO B 219 -6.77 -7.81 -7.64
CA PRO B 219 -6.78 -9.29 -7.72
C PRO B 219 -8.12 -10.00 -7.96
N VAL B 220 -9.17 -9.25 -8.28
CA VAL B 220 -10.46 -9.84 -8.62
C VAL B 220 -10.77 -9.34 -9.98
N PRO B 221 -11.45 -10.15 -10.81
CA PRO B 221 -11.77 -9.67 -12.11
C PRO B 221 -12.92 -8.69 -12.04
N GLY B 222 -12.88 -7.71 -12.91
CA GLY B 222 -13.95 -6.74 -13.11
C GLY B 222 -13.51 -5.31 -12.96
N PRO B 223 -13.09 -4.90 -11.75
CA PRO B 223 -12.85 -3.45 -11.58
C PRO B 223 -11.75 -2.83 -12.44
N VAL B 224 -10.71 -3.59 -12.71
CA VAL B 224 -9.60 -3.11 -13.59
C VAL B 224 -9.37 -4.17 -14.70
N PRO B 225 -10.10 -4.05 -15.83
CA PRO B 225 -10.08 -5.07 -16.91
C PRO B 225 -8.68 -5.48 -17.42
N THR B 226 -7.71 -4.59 -17.31
CA THR B 226 -6.36 -4.89 -17.71
C THR B 226 -5.52 -5.67 -16.67
N SER B 227 -6.06 -5.92 -15.46
CA SER B 227 -5.27 -6.63 -14.46
C SER B 227 -5.22 -8.13 -14.74
N PRO B 228 -4.19 -8.80 -14.23
CA PRO B 228 -4.00 -10.25 -14.46
C PRO B 228 -5.19 -11.10 -14.06
N ALA B 229 -5.96 -10.68 -13.05
CA ALA B 229 -7.15 -11.44 -12.63
C ALA B 229 -8.19 -11.68 -13.74
N ASN B 230 -8.14 -10.85 -14.78
CA ASN B 230 -9.03 -10.98 -15.96
C ASN B 230 -8.44 -11.85 -17.09
N ASN B 231 -7.20 -12.29 -16.93
CA ASN B 231 -6.49 -13.03 -17.95
C ASN B 231 -5.84 -14.25 -17.33
N ASP B 232 -6.63 -15.02 -16.57
CA ASP B 232 -6.19 -16.22 -15.82
C ASP B 232 -4.95 -16.11 -14.96
N PHE B 233 -4.72 -14.94 -14.41
CA PHE B 233 -3.51 -14.61 -13.68
C PHE B 233 -2.22 -14.90 -14.43
N LYS B 234 -2.21 -14.70 -15.74
CA LYS B 234 -0.94 -14.69 -16.47
C LYS B 234 -0.10 -13.49 -16.04
N PRO B 235 1.21 -13.67 -15.82
CA PRO B 235 2.08 -12.52 -15.55
C PRO B 235 2.11 -11.58 -16.73
N GLY B 236 2.23 -10.28 -16.53
CA GLY B 236 2.39 -9.62 -15.25
C GLY B 236 3.77 -9.80 -14.62
N PHE B 237 3.80 -9.89 -13.32
CA PHE B 237 4.98 -10.03 -12.48
C PHE B 237 4.80 -11.41 -11.79
N SER B 238 5.56 -12.39 -12.19
CA SER B 238 5.29 -13.77 -11.73
C SER B 238 5.61 -13.96 -10.25
N THR B 239 4.89 -14.86 -9.63
CA THR B 239 5.19 -15.37 -8.31
C THR B 239 6.63 -15.83 -8.20
N ALA B 240 7.17 -16.47 -9.25
CA ALA B 240 8.57 -16.89 -9.23
C ALA B 240 9.48 -15.72 -8.92
N LEU B 241 9.30 -14.62 -9.63
CA LEU B 241 10.17 -13.45 -9.50
C LEU B 241 9.96 -12.71 -8.17
N MET B 242 8.71 -12.56 -7.75
CA MET B 242 8.42 -11.95 -6.42
C MET B 242 9.04 -12.76 -5.26
N ASN B 243 8.99 -14.09 -5.40
CA ASN B 243 9.63 -14.97 -4.43
C ASN B 243 11.16 -14.79 -4.45
N LYS B 244 11.76 -14.59 -5.62
CA LYS B 244 13.19 -14.24 -5.67
C LYS B 244 13.49 -12.92 -4.94
N ASP B 245 12.81 -11.86 -5.29
CA ASP B 245 13.00 -10.57 -4.62
C ASP B 245 12.76 -10.66 -3.12
N LEU B 246 11.81 -11.49 -2.67
CA LEU B 246 11.55 -11.58 -1.23
C LEU B 246 12.63 -12.37 -0.52
N GLY B 247 13.18 -13.38 -1.18
CA GLY B 247 14.43 -14.07 -0.66
C GLY B 247 15.57 -13.07 -0.50
N LEU B 248 15.69 -12.18 -1.50
CA LEU B 248 16.71 -11.11 -1.42
C LEU B 248 16.41 -10.10 -0.31
N ALA B 249 15.15 -9.79 -0.09
CA ALA B 249 14.78 -8.91 1.05
C ALA B 249 15.13 -9.60 2.38
N MET B 250 14.91 -10.92 2.48
CA MET B 250 15.17 -11.66 3.71
C MET B 250 16.68 -11.79 3.91
N ASP B 251 17.44 -11.91 2.82
CA ASP B 251 18.90 -11.82 2.92
C ASP B 251 19.33 -10.49 3.51
N ALA B 252 18.74 -9.41 3.02
CA ALA B 252 19.00 -8.06 3.55
C ALA B 252 18.62 -7.96 5.04
N VAL B 253 17.48 -8.54 5.40
CA VAL B 253 17.02 -8.49 6.75
C VAL B 253 18.03 -9.27 7.62
N ALA B 254 18.43 -10.44 7.14
CA ALA B 254 19.31 -11.27 7.92
C ALA B 254 20.70 -10.61 8.05
N ALA B 255 21.17 -9.93 7.01
CA ALA B 255 22.48 -9.29 7.03
C ALA B 255 22.52 -8.07 7.93
N THR B 256 21.42 -7.33 8.06
CA THR B 256 21.40 -6.14 8.92
C THR B 256 20.96 -6.33 10.39
N GLY B 257 20.39 -7.47 10.70
CA GLY B 257 19.62 -7.63 11.96
C GLY B 257 18.33 -6.83 12.07
N ALA B 258 17.81 -6.31 10.96
CA ALA B 258 16.54 -5.60 10.95
C ALA B 258 15.38 -6.48 11.37
N THR B 259 14.28 -5.83 11.75
CA THR B 259 13.07 -6.54 12.07
C THR B 259 12.08 -6.03 11.05
N ALA B 260 11.45 -6.97 10.39
CA ALA B 260 10.51 -6.70 9.30
C ALA B 260 9.39 -7.76 9.42
N PRO B 261 8.55 -7.67 10.47
CA PRO B 261 7.58 -8.73 10.73
C PRO B 261 6.66 -9.00 9.55
N LEU B 262 6.08 -7.96 8.96
CA LEU B 262 5.14 -8.24 7.84
C LEU B 262 5.88 -8.62 6.57
N GLY B 263 7.03 -8.00 6.29
CA GLY B 263 7.84 -8.38 5.13
C GLY B 263 8.22 -9.85 5.18
N SER B 264 8.61 -10.33 6.38
CA SER B 264 8.99 -11.74 6.56
C SER B 264 7.81 -12.70 6.45
N HIS B 265 6.68 -12.31 7.07
CA HIS B 265 5.43 -13.07 6.90
C HIS B 265 5.03 -13.15 5.38
N ALA B 266 5.15 -12.02 4.66
CA ALA B 266 4.88 -12.03 3.24
C ALA B 266 5.87 -12.94 2.48
N ALA B 267 7.15 -12.92 2.86
CA ALA B 267 8.16 -13.89 2.33
C ALA B 267 7.76 -15.36 2.49
N ASP B 268 7.32 -15.75 3.68
N ASP B 268 7.32 -15.73 3.68
CA ASP B 268 6.88 -17.13 3.93
CA ASP B 268 6.88 -17.09 4.00
C ASP B 268 5.71 -17.52 3.07
C ASP B 268 5.68 -17.55 3.18
N ILE B 269 4.67 -16.68 3.13
CA ILE B 269 3.48 -16.84 2.31
C ILE B 269 3.81 -17.00 0.83
N TYR B 270 4.69 -16.15 0.31
CA TYR B 270 5.07 -16.26 -1.13
C TYR B 270 5.95 -17.49 -1.43
N ALA B 271 6.80 -17.83 -0.49
CA ALA B 271 7.61 -19.05 -0.62
C ALA B 271 6.71 -20.31 -0.73
N LYS B 272 5.68 -20.40 0.10
CA LYS B 272 4.76 -21.51 0.04
C LYS B 272 4.02 -21.54 -1.27
N PHE B 273 3.43 -20.41 -1.65
CA PHE B 273 2.70 -20.26 -2.91
C PHE B 273 3.55 -20.51 -4.16
N ALA B 274 4.85 -20.13 -4.13
CA ALA B 274 5.76 -20.36 -5.28
C ALA B 274 5.99 -21.85 -5.62
N ALA B 275 5.93 -22.72 -4.61
CA ALA B 275 6.14 -24.14 -4.78
C ALA B 275 5.22 -24.70 -5.84
N ASP B 276 3.96 -24.26 -5.84
CA ASP B 276 2.98 -24.77 -6.79
C ASP B 276 2.48 -23.79 -7.84
N HIS B 277 2.59 -22.48 -7.62
CA HIS B 277 2.08 -21.45 -8.54
C HIS B 277 3.11 -20.41 -8.91
N ALA B 278 4.33 -20.87 -9.14
CA ALA B 278 5.44 -20.03 -9.60
C ALA B 278 5.12 -19.33 -10.88
N ASP B 279 4.30 -19.98 -11.71
N ASP B 279 4.30 -19.93 -11.74
CA ASP B 279 3.95 -19.51 -13.03
CA ASP B 279 4.03 -19.36 -13.04
C ASP B 279 2.88 -18.40 -13.05
C ASP B 279 2.87 -18.36 -13.06
N LEU B 280 2.14 -18.23 -11.95
CA LEU B 280 1.01 -17.29 -11.92
C LEU B 280 1.46 -15.90 -11.48
N ASP B 281 0.82 -14.84 -11.99
CA ASP B 281 1.08 -13.47 -11.46
C ASP B 281 1.00 -13.53 -9.92
N PHE B 282 1.83 -12.76 -9.26
CA PHE B 282 1.81 -12.73 -7.80
C PHE B 282 0.51 -12.23 -7.17
N SER B 283 -0.36 -11.58 -7.95
CA SER B 283 -1.71 -11.23 -7.37
C SER B 283 -2.56 -12.47 -7.11
N ALA B 284 -2.20 -13.58 -7.73
CA ALA B 284 -2.94 -14.83 -7.62
C ALA B 284 -2.87 -15.47 -6.23
N VAL B 285 -2.03 -14.93 -5.37
CA VAL B 285 -1.97 -15.33 -3.96
C VAL B 285 -3.32 -15.27 -3.23
N ILE B 286 -4.24 -14.45 -3.75
CA ILE B 286 -5.64 -14.38 -3.31
C ILE B 286 -6.34 -15.74 -3.29
N HIS B 287 -5.89 -16.68 -4.12
CA HIS B 287 -6.45 -18.03 -4.10
C HIS B 287 -6.22 -18.74 -2.78
N THR B 288 -5.10 -18.45 -2.10
CA THR B 288 -4.80 -19.09 -0.82
C THR B 288 -5.72 -18.66 0.32
N LEU B 289 -6.40 -17.55 0.11
CA LEU B 289 -7.32 -16.99 1.09
C LEU B 289 -8.75 -17.45 0.88
N ARG B 290 -9.01 -18.12 -0.23
CA ARG B 290 -10.31 -18.65 -0.51
C ARG B 290 -10.33 -20.13 -0.28
N ALA B 291 -11.46 -20.60 0.19
CA ALA B 291 -11.62 -22.01 0.47
C ALA B 291 -12.37 -22.70 -0.65
#